data_7ZJP
#
_entry.id   7ZJP
#
_cell.length_a   108.359
_cell.length_b   108.359
_cell.length_c   132.162
_cell.angle_alpha   90.000
_cell.angle_beta   90.000
_cell.angle_gamma   90.000
#
_symmetry.space_group_name_H-M   'P 41 21 2'
#
loop_
_entity.id
_entity.type
_entity.pdbx_description
1 polymer 'Transcriptional enhancer factor TEF-1'
2 non-polymer '2-methyl-4-[4-(trifluoromethyl)phenyl]pyrazolo[3,4-b]indole-7-carboxylic acid'
3 non-polymer 'SULFATE ION'
4 water water
#
_entity_poly.entity_id   1
_entity_poly.type   'polypeptide(L)'
_entity_poly.pdbx_seq_one_letter_code
;GPRSIGTTKLRLVEFSAFLEQQRDPDSYNKHLFVHIGHANHSYSDPLLESVDIRQIYDKFPEKKGGLKELFGKGPQNAFF
LVKFWADLNCNIQDDAGAFYGVTSQYESSENMTVTCSTKVCSFGKQVVEKVETEYARFENGRFVYRINRSPMCEYMINFI
HKLKHLPEKYMMNSVLENFTILLVVTNRDTQETLLCMACVFEVSNSEHGAQHHIYRLVKD
;
_entity_poly.pdbx_strand_id   A,B
#
loop_
_chem_comp.id
_chem_comp.type
_chem_comp.name
_chem_comp.formula
JJU non-polymer '2-methyl-4-[4-(trifluoromethyl)phenyl]pyrazolo[3,4-b]indole-7-carboxylic acid' 'C18 H12 F3 N3 O2'
SO4 non-polymer 'SULFATE ION' 'O4 S -2'
#
# COMPACT_ATOMS: atom_id res chain seq x y z
N GLY A 1 -11.23 -5.46 2.61
CA GLY A 1 -11.49 -5.23 1.20
C GLY A 1 -10.33 -4.54 0.48
N PRO A 2 -10.60 -3.54 -0.43
CA PRO A 2 -9.50 -2.85 -1.13
C PRO A 2 -8.55 -2.07 -0.21
N ARG A 3 -7.26 -2.10 -0.56
CA ARG A 3 -6.16 -1.50 0.20
C ARG A 3 -6.12 0.05 0.07
N SER A 4 -6.28 0.53 -1.18
CA SER A 4 -6.14 1.93 -1.54
C SER A 4 -7.34 2.54 -2.29
N ILE A 5 -7.37 3.88 -2.40
CA ILE A 5 -8.41 4.63 -3.12
C ILE A 5 -7.67 5.47 -4.17
N GLY A 6 -8.18 5.46 -5.39
CA GLY A 6 -7.57 6.27 -6.44
C GLY A 6 -7.48 5.56 -7.76
N THR A 7 -6.77 6.20 -8.70
CA THR A 7 -6.53 5.73 -10.09
C THR A 7 -5.14 5.17 -10.19
N THR A 8 -4.69 4.88 -11.39
CA THR A 8 -3.33 4.40 -11.62
C THR A 8 -2.34 5.57 -11.46
N LYS A 9 -2.77 6.78 -11.87
CA LYS A 9 -1.99 8.01 -11.75
C LYS A 9 -1.65 8.36 -10.28
N LEU A 10 -2.66 8.30 -9.37
CA LEU A 10 -2.48 8.58 -7.96
C LEU A 10 -3.44 7.79 -7.06
N ARG A 11 -2.88 7.14 -6.02
CA ARG A 11 -3.61 6.34 -5.04
C ARG A 11 -3.27 6.82 -3.62
N LEU A 12 -4.28 6.91 -2.77
CA LEU A 12 -4.15 7.16 -1.33
C LEU A 12 -3.99 5.72 -0.74
N VAL A 13 -2.86 5.44 -0.14
CA VAL A 13 -2.56 4.09 0.35
C VAL A 13 -2.68 3.95 1.86
N GLU A 14 -2.59 5.07 2.58
CA GLU A 14 -2.59 5.18 4.02
C GLU A 14 -3.18 6.47 4.44
N PHE A 15 -3.98 6.38 5.47
CA PHE A 15 -4.64 7.52 6.05
C PHE A 15 -5.14 7.14 7.44
N SER A 16 -4.92 8.07 8.39
CA SER A 16 -5.38 8.00 9.75
C SER A 16 -5.39 9.39 10.40
N ALA A 17 -6.47 9.70 11.16
CA ALA A 17 -6.61 10.88 12.03
C ALA A 17 -6.62 10.25 13.40
N PHE A 18 -5.74 10.73 14.29
CA PHE A 18 -5.48 10.12 15.58
C PHE A 18 -5.19 11.09 16.73
N LEU A 19 -5.12 10.52 17.93
CA LEU A 19 -4.71 11.23 19.12
C LEU A 19 -3.62 10.39 19.79
N GLU A 20 -2.47 11.03 20.12
CA GLU A 20 -1.33 10.45 20.85
C GLU A 20 -1.34 11.08 22.24
N GLN A 21 -1.34 10.25 23.28
CA GLN A 21 -1.34 10.77 24.66
C GLN A 21 -0.22 10.15 25.45
N GLN A 22 0.51 10.96 26.21
CA GLN A 22 1.59 10.54 27.11
C GLN A 22 0.91 10.33 28.47
N ARG A 23 0.72 9.05 28.88
CA ARG A 23 0.09 8.67 30.15
C ARG A 23 1.05 8.99 31.32
N ASP A 24 2.37 8.90 31.07
CA ASP A 24 3.47 9.18 32.01
C ASP A 24 4.79 9.27 31.20
N PRO A 25 5.97 9.59 31.80
CA PRO A 25 7.19 9.72 30.97
C PRO A 25 7.61 8.50 30.14
N ASP A 26 7.20 7.28 30.55
CA ASP A 26 7.58 6.05 29.84
C ASP A 26 6.43 5.39 29.10
N SER A 27 5.25 6.01 29.08
CA SER A 27 4.04 5.47 28.46
C SER A 27 3.48 6.39 27.42
N TYR A 28 2.92 5.81 26.38
CA TYR A 28 2.36 6.48 25.25
C TYR A 28 1.15 5.61 24.80
N ASN A 29 0.08 6.26 24.33
CA ASN A 29 -1.17 5.68 23.85
C ASN A 29 -1.46 6.38 22.56
N LYS A 30 -1.93 5.63 21.57
CA LYS A 30 -2.35 6.20 20.30
C LYS A 30 -3.74 5.64 19.97
N HIS A 31 -4.66 6.51 19.61
CA HIS A 31 -6.02 6.11 19.27
C HIS A 31 -6.35 6.67 17.88
N LEU A 32 -6.88 5.83 17.00
CA LEU A 32 -7.30 6.23 15.66
C LEU A 32 -8.78 6.53 15.60
N PHE A 33 -9.14 7.76 15.20
CA PHE A 33 -10.54 8.13 15.04
C PHE A 33 -11.05 7.56 13.72
N VAL A 34 -10.33 7.81 12.63
CA VAL A 34 -10.70 7.35 11.30
C VAL A 34 -9.44 6.86 10.61
N HIS A 35 -9.59 5.85 9.75
CA HIS A 35 -8.47 5.33 8.97
C HIS A 35 -9.01 4.56 7.78
N ILE A 36 -8.14 4.21 6.81
CA ILE A 36 -8.50 3.42 5.64
C ILE A 36 -7.90 2.00 5.69
N GLY A 37 -7.65 1.47 6.89
CA GLY A 37 -7.09 0.14 7.06
C GLY A 37 -8.10 -0.98 7.11
N HIS A 38 -9.41 -0.68 7.06
CA HIS A 38 -10.43 -1.72 7.16
C HIS A 38 -11.62 -1.45 6.22
N ALA A 39 -11.43 -1.70 4.93
CA ALA A 39 -12.50 -1.54 3.93
C ALA A 39 -13.58 -2.60 4.15
N ASN A 40 -14.80 -2.17 4.50
CA ASN A 40 -15.84 -3.16 4.73
C ASN A 40 -16.50 -3.58 3.37
N HIS A 41 -15.66 -4.20 2.50
CA HIS A 41 -16.00 -4.77 1.18
C HIS A 41 -15.62 -6.27 1.20
N SER A 42 -16.39 -7.11 0.49
CA SER A 42 -16.17 -8.55 0.37
C SER A 42 -15.33 -8.90 -0.85
N PRO A 46 -12.64 -6.19 -6.16
CA PRO A 46 -14.07 -5.88 -6.31
C PRO A 46 -14.35 -4.75 -7.32
N LEU A 47 -15.54 -4.82 -7.92
CA LEU A 47 -16.05 -3.82 -8.86
C LEU A 47 -16.81 -2.78 -8.02
N LEU A 48 -16.35 -1.52 -8.01
CA LEU A 48 -16.94 -0.49 -7.16
C LEU A 48 -18.35 -0.11 -7.53
N GLU A 49 -19.19 0.08 -6.50
CA GLU A 49 -20.59 0.54 -6.63
C GLU A 49 -20.52 2.06 -6.90
N SER A 50 -21.52 2.60 -7.60
CA SER A 50 -21.49 4.03 -7.91
C SER A 50 -22.61 4.83 -7.24
N VAL A 51 -22.36 6.15 -7.05
CA VAL A 51 -23.29 7.14 -6.49
C VAL A 51 -23.42 8.31 -7.47
N ASP A 52 -24.68 8.72 -7.77
CA ASP A 52 -24.99 9.90 -8.61
C ASP A 52 -24.51 11.12 -7.80
N ILE A 53 -23.53 11.84 -8.33
CA ILE A 53 -22.91 13.02 -7.73
C ILE A 53 -23.94 14.11 -7.38
N ARG A 54 -25.06 14.17 -8.10
CA ARG A 54 -26.10 15.16 -7.86
C ARG A 54 -26.73 15.03 -6.47
N GLN A 55 -26.66 13.84 -5.86
CA GLN A 55 -27.20 13.56 -4.52
C GLN A 55 -26.32 14.10 -3.40
N ILE A 56 -25.08 14.54 -3.69
CA ILE A 56 -24.14 15.00 -2.65
C ILE A 56 -23.64 16.46 -2.82
N TYR A 57 -24.03 17.19 -3.91
CA TYR A 57 -23.63 18.59 -4.16
C TYR A 57 -23.95 19.51 -2.97
N ASP A 58 -25.15 19.34 -2.36
CA ASP A 58 -25.64 20.11 -1.20
C ASP A 58 -24.71 20.00 0.00
N LYS A 59 -23.94 18.90 0.10
CA LYS A 59 -23.06 18.55 1.23
C LYS A 59 -21.63 19.11 1.10
N PHE A 60 -21.28 19.70 -0.05
CA PHE A 60 -19.94 20.24 -0.32
C PHE A 60 -20.01 21.65 -0.87
N PRO A 61 -18.91 22.45 -0.81
CA PRO A 61 -19.01 23.83 -1.33
C PRO A 61 -19.24 23.83 -2.83
N GLU A 62 -20.09 24.74 -3.31
CA GLU A 62 -20.38 24.83 -4.73
C GLU A 62 -19.89 26.17 -5.28
N LYS A 63 -20.52 26.69 -6.36
CA LYS A 63 -20.10 27.92 -7.05
C LYS A 63 -18.63 27.77 -7.55
N LYS A 64 -17.83 28.87 -7.59
CA LYS A 64 -16.44 28.86 -8.05
C LYS A 64 -15.56 27.98 -7.13
N GLY A 65 -14.80 27.07 -7.74
CA GLY A 65 -13.92 26.13 -7.05
C GLY A 65 -14.61 24.90 -6.49
N GLY A 66 -15.94 24.89 -6.54
CA GLY A 66 -16.82 23.84 -6.03
C GLY A 66 -16.73 22.48 -6.69
N LEU A 67 -17.37 21.47 -6.06
CA LEU A 67 -17.39 20.08 -6.48
C LEU A 67 -17.98 19.85 -7.88
N LYS A 68 -19.07 20.57 -8.26
CA LYS A 68 -19.70 20.49 -9.56
C LYS A 68 -18.71 20.94 -10.64
N GLU A 69 -18.05 22.09 -10.38
CA GLU A 69 -17.02 22.71 -11.23
C GLU A 69 -15.83 21.75 -11.43
N LEU A 70 -15.35 21.16 -10.32
CA LEU A 70 -14.25 20.20 -10.29
C LEU A 70 -14.60 18.92 -11.05
N PHE A 71 -15.77 18.30 -10.73
CA PHE A 71 -16.24 17.09 -11.38
C PHE A 71 -16.38 17.30 -12.87
N GLY A 72 -16.94 18.44 -13.25
CA GLY A 72 -17.14 18.85 -14.64
C GLY A 72 -15.86 18.92 -15.44
N LYS A 73 -14.79 19.50 -14.84
CA LYS A 73 -13.45 19.62 -15.43
C LYS A 73 -12.78 18.21 -15.56
N GLY A 74 -13.13 17.30 -14.64
CA GLY A 74 -12.65 15.92 -14.62
C GLY A 74 -11.18 15.72 -14.26
N PRO A 75 -10.58 14.52 -14.53
CA PRO A 75 -11.19 13.29 -15.10
C PRO A 75 -12.14 12.62 -14.09
N GLN A 76 -13.26 12.04 -14.59
CA GLN A 76 -14.35 11.48 -13.78
C GLN A 76 -14.01 10.22 -12.98
N ASN A 77 -13.03 9.43 -13.46
CA ASN A 77 -12.57 8.21 -12.78
C ASN A 77 -11.72 8.52 -11.50
N ALA A 78 -11.49 9.80 -11.22
CA ALA A 78 -10.70 10.23 -10.08
C ALA A 78 -11.58 10.71 -8.89
N PHE A 79 -12.93 10.65 -9.06
CA PHE A 79 -13.91 11.14 -8.08
C PHE A 79 -14.57 10.05 -7.30
N PHE A 80 -14.41 10.12 -5.96
CA PHE A 80 -14.94 9.11 -5.06
C PHE A 80 -15.72 9.68 -3.90
N LEU A 81 -16.71 8.92 -3.46
CA LEU A 81 -17.43 9.21 -2.24
C LEU A 81 -16.93 8.15 -1.25
N VAL A 82 -16.39 8.60 -0.14
CA VAL A 82 -15.89 7.72 0.90
C VAL A 82 -16.67 7.98 2.18
N LYS A 83 -17.32 6.92 2.67
CA LYS A 83 -18.09 6.90 3.92
C LYS A 83 -17.13 6.36 4.98
N PHE A 84 -16.89 7.13 6.06
CA PHE A 84 -16.06 6.69 7.21
C PHE A 84 -16.90 6.48 8.47
N TRP A 85 -16.61 5.44 9.24
CA TRP A 85 -17.17 5.24 10.57
C TRP A 85 -16.05 5.64 11.52
N ALA A 86 -16.30 6.68 12.33
CA ALA A 86 -15.36 7.21 13.30
C ALA A 86 -15.39 6.47 14.62
N ASP A 87 -14.22 6.12 15.13
CA ASP A 87 -14.11 5.50 16.43
C ASP A 87 -13.81 6.58 17.46
N LEU A 88 -14.81 6.88 18.31
CA LEU A 88 -14.65 7.93 19.32
C LEU A 88 -14.48 7.34 20.73
N ASN A 89 -14.17 6.05 20.84
CA ASN A 89 -13.96 5.48 22.17
C ASN A 89 -12.51 5.64 22.64
N CYS A 90 -12.25 6.72 23.36
CA CYS A 90 -10.95 7.04 23.95
C CYS A 90 -11.11 8.01 25.09
N ASN A 91 -10.30 7.86 26.12
CA ASN A 91 -10.37 8.79 27.23
C ASN A 91 -9.43 9.92 26.96
N ILE A 92 -10.00 11.10 26.79
CA ILE A 92 -9.22 12.32 26.57
C ILE A 92 -8.86 12.89 27.98
N GLN A 93 -7.57 12.67 28.38
CA GLN A 93 -6.99 13.08 29.68
C GLN A 93 -6.77 14.60 29.76
N ALA A 96 -3.05 17.89 27.96
CA ALA A 96 -1.68 17.93 28.49
C ALA A 96 -0.96 16.63 28.14
N GLY A 97 0.09 16.78 27.34
CA GLY A 97 0.85 15.66 26.78
C GLY A 97 0.07 15.00 25.66
N ALA A 98 -0.78 15.77 24.91
CA ALA A 98 -1.61 15.22 23.82
C ALA A 98 -1.31 15.80 22.48
N PHE A 99 -1.28 14.94 21.45
CA PHE A 99 -1.08 15.40 20.10
C PHE A 99 -2.18 14.86 19.20
N TYR A 100 -2.93 15.75 18.52
CA TYR A 100 -3.95 15.38 17.52
C TYR A 100 -3.32 15.55 16.16
N GLY A 101 -3.19 14.46 15.42
CA GLY A 101 -2.53 14.45 14.12
C GLY A 101 -3.22 13.68 13.02
N VAL A 102 -2.73 13.90 11.78
CA VAL A 102 -3.28 13.29 10.57
C VAL A 102 -2.13 12.80 9.74
N THR A 103 -2.15 11.52 9.38
CA THR A 103 -1.12 10.90 8.55
C THR A 103 -1.72 10.37 7.24
N SER A 104 -1.10 10.73 6.13
CA SER A 104 -1.57 10.29 4.83
C SER A 104 -0.42 9.98 3.90
N GLN A 105 -0.62 8.99 3.04
CA GLN A 105 0.37 8.58 2.07
C GLN A 105 -0.27 8.29 0.72
N TYR A 106 0.23 8.96 -0.31
CA TYR A 106 -0.20 8.80 -1.69
C TYR A 106 0.99 8.21 -2.45
N GLU A 107 0.69 7.52 -3.53
CA GLU A 107 1.68 6.88 -4.42
C GLU A 107 1.30 7.07 -5.86
N SER A 108 2.34 7.17 -6.69
CA SER A 108 2.25 7.39 -8.12
C SER A 108 3.39 6.69 -8.83
N SER A 109 3.20 6.48 -10.12
CA SER A 109 4.17 5.89 -11.03
C SER A 109 4.94 7.06 -11.65
N GLU A 110 4.31 8.25 -11.66
CA GLU A 110 4.82 9.49 -12.19
C GLU A 110 5.49 10.34 -11.11
N ASN A 111 6.59 11.03 -11.47
CA ASN A 111 7.30 11.92 -10.58
C ASN A 111 6.58 13.27 -10.70
N MET A 112 5.88 13.68 -9.64
CA MET A 112 5.10 14.93 -9.64
C MET A 112 5.29 15.71 -8.37
N THR A 113 4.87 16.98 -8.41
CA THR A 113 4.74 17.82 -7.24
C THR A 113 3.24 17.99 -7.13
N VAL A 114 2.68 17.54 -6.02
CA VAL A 114 1.24 17.59 -5.80
C VAL A 114 0.86 18.57 -4.71
N THR A 115 -0.36 19.05 -4.81
CA THR A 115 -1.02 19.93 -3.85
C THR A 115 -2.12 19.08 -3.26
N CYS A 116 -2.18 19.02 -1.95
CA CYS A 116 -3.17 18.29 -1.19
CA CYS A 116 -3.22 18.32 -1.24
C CYS A 116 -4.06 19.29 -0.43
N SER A 117 -5.31 19.43 -0.83
CA SER A 117 -6.30 20.33 -0.22
C SER A 117 -7.31 19.55 0.60
N THR A 118 -7.43 19.91 1.88
CA THR A 118 -8.42 19.29 2.77
C THR A 118 -9.38 20.39 3.15
N LYS A 119 -10.64 20.26 2.73
CA LYS A 119 -11.69 21.23 3.08
C LYS A 119 -12.66 20.60 4.06
N VAL A 120 -12.70 21.14 5.28
CA VAL A 120 -13.61 20.68 6.33
C VAL A 120 -14.88 21.50 6.12
N CYS A 121 -16.04 20.83 6.07
CA CYS A 121 -17.32 21.48 5.77
C CYS A 121 -18.37 21.24 6.79
N SER A 122 -19.14 22.31 7.06
CA SER A 122 -20.28 22.26 7.95
C SER A 122 -21.50 22.77 7.20
N PHE A 123 -22.49 21.88 7.01
CA PHE A 123 -23.73 22.16 6.26
C PHE A 123 -23.41 22.57 4.82
N GLY A 124 -22.42 21.92 4.21
CA GLY A 124 -22.00 22.14 2.84
C GLY A 124 -21.12 23.38 2.62
N LYS A 125 -20.83 24.09 3.70
CA LYS A 125 -20.03 25.32 3.63
C LYS A 125 -18.69 25.12 4.31
N GLN A 126 -17.62 25.62 3.67
CA GLN A 126 -16.25 25.48 4.16
C GLN A 126 -16.00 26.25 5.46
N VAL A 127 -15.44 25.55 6.45
CA VAL A 127 -15.06 26.12 7.74
C VAL A 127 -13.52 26.15 7.90
N VAL A 128 -12.83 25.20 7.27
CA VAL A 128 -11.36 25.06 7.33
C VAL A 128 -10.89 24.59 5.95
N GLU A 129 -9.69 25.00 5.56
CA GLU A 129 -8.96 24.53 4.39
C GLU A 129 -7.47 24.47 4.77
N LYS A 130 -6.90 23.28 4.59
CA LYS A 130 -5.50 22.98 4.83
C LYS A 130 -4.89 22.68 3.46
N VAL A 131 -3.86 23.41 3.07
CA VAL A 131 -3.24 23.15 1.79
C VAL A 131 -1.82 22.72 2.09
N GLU A 132 -1.44 21.54 1.58
CA GLU A 132 -0.12 20.97 1.79
C GLU A 132 0.48 20.58 0.46
N THR A 133 1.73 21.00 0.20
CA THR A 133 2.49 20.70 -1.02
C THR A 133 3.44 19.54 -0.76
N GLU A 134 3.35 18.50 -1.60
CA GLU A 134 4.17 17.30 -1.43
C GLU A 134 4.97 17.00 -2.65
N TYR A 135 6.26 16.82 -2.43
CA TYR A 135 7.21 16.48 -3.46
C TYR A 135 7.44 14.97 -3.47
N ALA A 136 7.51 14.35 -4.66
CA ALA A 136 7.73 12.89 -4.80
C ALA A 136 9.06 12.42 -4.22
N ARG A 137 8.98 11.34 -3.44
CA ARG A 137 10.16 10.64 -2.92
C ARG A 137 10.17 9.25 -3.62
N PHE A 138 11.24 8.94 -4.35
CA PHE A 138 11.39 7.62 -4.99
C PHE A 138 11.69 6.57 -3.95
N GLU A 139 10.80 5.60 -3.84
CA GLU A 139 10.91 4.54 -2.85
C GLU A 139 10.54 3.23 -3.49
N ASN A 140 11.51 2.30 -3.54
CA ASN A 140 11.38 0.92 -3.99
C ASN A 140 10.49 0.72 -5.23
N GLY A 141 10.76 1.49 -6.27
CA GLY A 141 10.09 1.35 -7.55
C GLY A 141 9.02 2.35 -7.89
N ARG A 142 8.57 3.14 -6.92
CA ARG A 142 7.53 4.13 -7.22
C ARG A 142 7.71 5.42 -6.39
N PHE A 143 6.90 6.44 -6.70
CA PHE A 143 6.94 7.72 -6.03
C PHE A 143 5.94 7.75 -4.92
N VAL A 144 6.40 8.19 -3.78
CA VAL A 144 5.62 8.28 -2.53
C VAL A 144 5.51 9.76 -2.11
N TYR A 145 4.28 10.14 -1.66
CA TYR A 145 3.99 11.48 -1.14
C TYR A 145 3.44 11.25 0.23
N ARG A 146 4.29 11.45 1.24
CA ARG A 146 3.93 11.23 2.63
C ARG A 146 3.73 12.52 3.41
N ILE A 147 2.56 12.67 4.05
CA ILE A 147 2.27 13.78 4.97
C ILE A 147 2.23 13.05 6.33
N ASN A 148 3.35 13.05 7.01
CA ASN A 148 3.49 12.36 8.28
C ASN A 148 3.15 13.29 9.46
N ARG A 149 2.32 12.78 10.42
CA ARG A 149 1.95 13.47 11.67
C ARG A 149 1.65 14.96 11.45
N SER A 150 0.72 15.28 10.55
CA SER A 150 0.37 16.67 10.30
C SER A 150 -0.53 17.14 11.45
N PRO A 151 -0.27 18.30 12.07
CA PRO A 151 -1.12 18.71 13.21
C PRO A 151 -2.57 18.94 12.82
N MET A 152 -3.49 18.38 13.60
CA MET A 152 -4.91 18.55 13.37
C MET A 152 -5.29 20.02 13.67
N CYS A 153 -6.16 20.60 12.86
CA CYS A 153 -6.60 21.99 13.05
C CYS A 153 -7.45 22.07 14.30
N GLU A 154 -7.36 23.20 15.00
CA GLU A 154 -8.08 23.43 16.23
C GLU A 154 -9.60 23.20 16.11
N TYR A 155 -10.18 23.54 14.92
CA TYR A 155 -11.60 23.34 14.65
C TYR A 155 -11.92 21.88 14.93
N MET A 156 -11.12 20.97 14.33
CA MET A 156 -11.32 19.54 14.41
C MET A 156 -11.07 18.98 15.77
N ILE A 157 -10.12 19.55 16.52
CA ILE A 157 -9.82 19.16 17.89
C ILE A 157 -11.03 19.55 18.76
N ASN A 158 -11.57 20.76 18.57
CA ASN A 158 -12.73 21.25 19.32
C ASN A 158 -13.98 20.44 18.99
N PHE A 159 -14.18 20.15 17.68
CA PHE A 159 -15.27 19.31 17.17
C PHE A 159 -15.27 17.88 17.80
N ILE A 160 -14.11 17.19 17.82
CA ILE A 160 -13.96 15.86 18.45
C ILE A 160 -14.39 15.93 19.95
N HIS A 161 -13.94 16.96 20.68
CA HIS A 161 -14.32 17.16 22.09
C HIS A 161 -15.81 17.37 22.30
N LYS A 162 -16.42 18.23 21.50
CA LYS A 162 -17.84 18.53 21.67
C LYS A 162 -18.71 17.34 21.25
N LEU A 163 -18.30 16.60 20.25
CA LEU A 163 -19.02 15.41 19.78
C LEU A 163 -18.98 14.27 20.87
N LYS A 164 -17.78 13.97 21.43
CA LYS A 164 -17.60 12.97 22.51
C LYS A 164 -18.50 13.31 23.70
N HIS A 165 -18.67 14.60 24.05
CA HIS A 165 -19.51 15.06 25.16
C HIS A 165 -20.96 14.57 25.14
N LEU A 166 -21.52 14.34 23.94
CA LEU A 166 -22.89 13.89 23.75
C LEU A 166 -23.12 12.49 24.37
N PRO A 167 -24.20 12.29 25.16
CA PRO A 167 -24.38 10.99 25.83
C PRO A 167 -24.81 9.81 24.96
N GLU A 168 -25.20 10.02 23.67
CA GLU A 168 -25.67 8.93 22.81
C GLU A 168 -25.13 9.01 21.39
N LYS A 169 -24.77 7.85 20.79
CA LYS A 169 -24.26 7.78 19.40
C LYS A 169 -25.23 8.38 18.39
N TYR A 170 -26.56 8.22 18.62
CA TYR A 170 -27.56 8.72 17.67
C TYR A 170 -27.49 10.25 17.54
N MET A 171 -27.17 10.93 18.66
CA MET A 171 -27.01 12.37 18.76
C MET A 171 -25.76 12.81 18.00
N MET A 172 -24.64 12.06 18.15
CA MET A 172 -23.38 12.28 17.39
C MET A 172 -23.63 12.07 15.88
N ASN A 173 -24.42 11.04 15.52
CA ASN A 173 -24.73 10.79 14.10
C ASN A 173 -25.54 11.90 13.49
N SER A 174 -26.45 12.50 14.28
CA SER A 174 -27.26 13.62 13.84
C SER A 174 -26.38 14.83 13.55
N VAL A 175 -25.30 15.03 14.34
CA VAL A 175 -24.32 16.09 14.16
C VAL A 175 -23.47 15.80 12.90
N LEU A 176 -22.87 14.59 12.83
CA LEU A 176 -22.03 14.12 11.71
C LEU A 176 -22.77 14.09 10.34
N GLU A 177 -24.12 14.12 10.33
CA GLU A 177 -24.93 14.14 9.12
C GLU A 177 -24.64 15.40 8.30
N ASN A 178 -24.24 16.48 8.98
CA ASN A 178 -23.98 17.79 8.36
C ASN A 178 -22.50 18.18 8.34
N PHE A 179 -21.61 17.21 8.67
CA PHE A 179 -20.17 17.37 8.69
C PHE A 179 -19.58 16.54 7.55
N THR A 180 -18.80 17.18 6.67
CA THR A 180 -18.15 16.51 5.54
C THR A 180 -16.72 17.03 5.34
N ILE A 181 -15.91 16.29 4.58
CA ILE A 181 -14.55 16.66 4.24
C ILE A 181 -14.35 16.41 2.76
N LEU A 182 -13.79 17.38 2.08
CA LEU A 182 -13.48 17.23 0.68
C LEU A 182 -11.99 17.26 0.55
N LEU A 183 -11.45 16.18 0.04
CA LEU A 183 -10.05 16.00 -0.20
C LEU A 183 -9.76 16.10 -1.68
N VAL A 184 -8.92 17.04 -2.08
CA VAL A 184 -8.57 17.17 -3.48
C VAL A 184 -7.04 17.18 -3.62
N VAL A 185 -6.50 16.30 -4.50
CA VAL A 185 -5.08 16.22 -4.83
C VAL A 185 -4.93 16.65 -6.27
N THR A 186 -4.04 17.62 -6.49
CA THR A 186 -3.81 18.22 -7.79
C THR A 186 -2.35 18.15 -8.15
N ASN A 187 -2.07 17.98 -9.45
CA ASN A 187 -0.71 18.04 -9.98
C ASN A 187 -0.41 19.56 -9.99
N ARG A 188 0.50 20.03 -9.14
CA ARG A 188 0.79 21.46 -9.02
C ARG A 188 1.32 22.11 -10.30
N ASP A 189 1.94 21.31 -11.18
CA ASP A 189 2.53 21.79 -12.43
C ASP A 189 1.55 21.76 -13.63
N THR A 190 0.66 20.75 -13.75
CA THR A 190 -0.32 20.75 -14.86
C THR A 190 -1.70 21.30 -14.44
N GLN A 191 -1.99 21.28 -13.12
CA GLN A 191 -3.27 21.71 -12.54
C GLN A 191 -4.37 20.65 -12.69
N GLU A 192 -4.00 19.43 -13.16
CA GLU A 192 -4.90 18.29 -13.32
C GLU A 192 -5.32 17.76 -11.93
N THR A 193 -6.62 17.42 -11.76
CA THR A 193 -7.16 16.81 -10.54
C THR A 193 -6.76 15.35 -10.63
N LEU A 194 -5.96 14.91 -9.65
CA LEU A 194 -5.44 13.55 -9.56
C LEU A 194 -6.34 12.64 -8.77
N LEU A 195 -6.90 13.17 -7.69
CA LEU A 195 -7.76 12.42 -6.82
C LEU A 195 -8.69 13.38 -6.11
N CYS A 196 -9.98 13.03 -6.08
CA CYS A 196 -10.98 13.75 -5.33
C CYS A 196 -11.81 12.81 -4.48
N MET A 197 -11.86 13.09 -3.20
CA MET A 197 -12.61 12.29 -2.26
C MET A 197 -13.57 13.16 -1.46
N ALA A 198 -14.87 12.92 -1.66
CA ALA A 198 -15.97 13.55 -0.95
C ALA A 198 -16.21 12.61 0.23
N CYS A 199 -15.77 13.00 1.42
CA CYS A 199 -15.89 12.18 2.62
C CYS A 199 -17.12 12.48 3.45
N VAL A 200 -17.88 11.42 3.84
CA VAL A 200 -19.05 11.48 4.73
C VAL A 200 -18.76 10.60 5.98
N PHE A 201 -19.43 10.93 7.11
CA PHE A 201 -19.11 10.34 8.40
C PHE A 201 -20.28 9.91 9.25
N GLU A 202 -20.08 8.81 9.99
CA GLU A 202 -20.99 8.18 10.94
C GLU A 202 -20.11 7.66 12.08
N VAL A 203 -20.68 7.36 13.24
CA VAL A 203 -19.96 6.79 14.39
C VAL A 203 -19.95 5.25 14.23
N SER A 204 -18.83 4.61 14.58
CA SER A 204 -18.73 3.15 14.52
C SER A 204 -19.63 2.48 15.54
N ASN A 205 -20.16 1.30 15.17
CA ASN A 205 -21.04 0.46 15.96
C ASN A 205 -20.22 -0.43 16.88
N SER A 206 -20.30 -0.09 18.19
CA SER A 206 -19.69 -0.69 19.39
C SER A 206 -18.23 -1.22 19.24
N GLU A 207 -18.05 -2.56 19.07
CA GLU A 207 -16.77 -3.30 19.01
C GLU A 207 -16.15 -3.50 17.59
N HIS A 208 -16.78 -2.95 16.53
CA HIS A 208 -16.25 -3.11 15.17
C HIS A 208 -15.01 -2.22 14.87
N GLY A 209 -15.03 -0.98 15.39
CA GLY A 209 -13.98 0.01 15.20
C GLY A 209 -14.15 0.82 13.93
N ALA A 210 -13.20 1.73 13.67
CA ALA A 210 -13.15 2.60 12.50
C ALA A 210 -13.12 1.72 11.22
N GLN A 211 -13.92 2.13 10.22
CA GLN A 211 -14.09 1.44 8.93
C GLN A 211 -14.43 2.46 7.86
N HIS A 212 -14.34 2.03 6.59
CA HIS A 212 -14.68 2.91 5.47
C HIS A 212 -15.28 2.13 4.31
N HIS A 213 -16.03 2.82 3.46
CA HIS A 213 -16.65 2.25 2.29
C HIS A 213 -16.48 3.24 1.13
N ILE A 214 -16.03 2.73 -0.02
CA ILE A 214 -15.71 3.49 -1.23
C ILE A 214 -16.80 3.36 -2.29
N TYR A 215 -17.14 4.48 -2.95
CA TYR A 215 -18.10 4.47 -4.06
C TYR A 215 -17.49 5.36 -5.10
N ARG A 216 -17.81 5.08 -6.38
CA ARG A 216 -17.39 5.90 -7.51
CA ARG A 216 -17.40 5.91 -7.52
C ARG A 216 -18.46 6.98 -7.67
N LEU A 217 -18.05 8.22 -7.88
CA LEU A 217 -19.04 9.29 -8.12
C LEU A 217 -19.22 9.33 -9.64
N VAL A 218 -20.48 9.24 -10.09
CA VAL A 218 -20.84 9.29 -11.52
C VAL A 218 -21.89 10.43 -11.71
N LYS A 219 -22.06 10.99 -12.95
CA LYS A 219 -23.06 12.05 -13.14
C LYS A 219 -24.45 11.50 -13.37
N ASP A 220 -24.60 10.53 -14.29
CA ASP A 220 -25.91 9.92 -14.54
C ASP A 220 -26.13 8.67 -13.68
N ARG B 3 1.36 -1.83 -7.27
CA ARG B 3 0.31 -2.84 -7.05
C ARG B 3 0.78 -4.05 -6.21
N SER B 4 0.11 -4.17 -5.05
CA SER B 4 0.28 -5.15 -4.01
C SER B 4 -0.21 -6.54 -4.40
N ILE B 5 0.38 -7.56 -3.81
CA ILE B 5 0.07 -8.96 -4.07
C ILE B 5 -0.52 -9.60 -2.81
N GLY B 6 -1.74 -10.09 -2.92
CA GLY B 6 -2.34 -10.80 -1.82
C GLY B 6 -3.82 -10.61 -1.62
N THR B 7 -4.26 -10.95 -0.41
CA THR B 7 -5.64 -10.86 0.08
C THR B 7 -5.62 -9.96 1.30
N THR B 8 -6.78 -9.61 1.85
CA THR B 8 -6.81 -8.73 3.02
C THR B 8 -6.14 -9.43 4.23
N LYS B 9 -6.16 -10.78 4.29
CA LYS B 9 -5.49 -11.56 5.34
C LYS B 9 -3.97 -11.33 5.31
N LEU B 10 -3.36 -11.14 4.09
CA LEU B 10 -1.94 -10.83 3.90
C LEU B 10 -1.58 -10.35 2.49
N ARG B 11 -1.13 -9.11 2.37
CA ARG B 11 -0.74 -8.47 1.13
C ARG B 11 0.73 -8.04 1.19
N LEU B 12 1.51 -8.31 0.13
CA LEU B 12 2.89 -7.80 -0.02
C LEU B 12 2.63 -6.44 -0.68
N VAL B 13 3.08 -5.34 -0.06
CA VAL B 13 2.78 -3.99 -0.53
C VAL B 13 4.02 -3.28 -1.05
N GLU B 14 5.17 -3.72 -0.61
CA GLU B 14 6.43 -3.07 -0.98
C GLU B 14 7.45 -4.14 -1.10
N PHE B 15 8.26 -4.03 -2.13
CA PHE B 15 9.31 -5.01 -2.36
C PHE B 15 10.33 -4.47 -3.35
N SER B 16 11.62 -4.67 -3.02
CA SER B 16 12.76 -4.41 -3.89
C SER B 16 13.99 -5.20 -3.46
N ALA B 17 14.81 -5.59 -4.43
CA ALA B 17 16.12 -6.24 -4.26
C ALA B 17 17.05 -5.27 -4.96
N PHE B 18 18.05 -4.81 -4.23
CA PHE B 18 18.89 -3.71 -4.64
C PHE B 18 20.35 -3.85 -4.27
N LEU B 19 21.12 -2.89 -4.81
CA LEU B 19 22.54 -2.67 -4.55
C LEU B 19 22.71 -1.19 -4.13
N GLU B 20 23.30 -0.97 -2.97
CA GLU B 20 23.65 0.37 -2.48
C GLU B 20 25.16 0.47 -2.53
N GLN B 21 25.69 1.60 -3.00
CA GLN B 21 27.15 1.78 -2.99
C GLN B 21 27.54 3.20 -2.67
N GLN B 22 28.49 3.38 -1.76
CA GLN B 22 29.01 4.67 -1.32
C GLN B 22 30.10 5.07 -2.34
N ARG B 23 29.80 6.08 -3.20
CA ARG B 23 30.70 6.58 -4.25
C ARG B 23 31.86 7.39 -3.64
N ASP B 24 31.58 8.18 -2.60
CA ASP B 24 32.53 9.02 -1.86
C ASP B 24 31.94 9.36 -0.49
N PRO B 25 32.64 10.11 0.40
CA PRO B 25 32.08 10.36 1.74
C PRO B 25 30.68 10.95 1.82
N ASP B 26 30.25 11.77 0.84
CA ASP B 26 28.97 12.46 0.92
C ASP B 26 27.92 12.03 -0.05
N SER B 27 28.15 10.92 -0.73
CA SER B 27 27.19 10.46 -1.70
C SER B 27 27.14 9.00 -1.86
N TYR B 28 25.93 8.53 -2.16
CA TYR B 28 25.66 7.15 -2.40
C TYR B 28 24.71 7.00 -3.57
N ASN B 29 24.73 5.78 -4.13
CA ASN B 29 23.92 5.33 -5.24
C ASN B 29 23.11 4.12 -4.76
N LYS B 30 21.94 3.92 -5.35
CA LYS B 30 21.09 2.78 -5.07
C LYS B 30 20.48 2.36 -6.39
N HIS B 31 20.66 1.08 -6.76
CA HIS B 31 20.09 0.50 -7.96
C HIS B 31 19.11 -0.61 -7.59
N LEU B 32 17.95 -0.63 -8.25
CA LEU B 32 16.95 -1.65 -8.00
C LEU B 32 16.98 -2.69 -9.12
N PHE B 33 17.25 -3.96 -8.77
CA PHE B 33 17.24 -5.06 -9.73
C PHE B 33 15.78 -5.43 -10.07
N VAL B 34 14.96 -5.64 -9.02
CA VAL B 34 13.55 -6.04 -9.11
C VAL B 34 12.76 -5.30 -8.03
N HIS B 35 11.52 -4.96 -8.32
CA HIS B 35 10.62 -4.32 -7.37
C HIS B 35 9.17 -4.53 -7.85
N ILE B 36 8.20 -4.23 -6.97
CA ILE B 36 6.77 -4.29 -7.25
C ILE B 36 6.16 -2.88 -7.32
N GLY B 37 6.99 -1.91 -7.70
CA GLY B 37 6.56 -0.53 -7.82
C GLY B 37 5.92 -0.15 -9.14
N HIS B 38 6.18 -0.89 -10.22
CA HIS B 38 5.62 -0.49 -11.51
C HIS B 38 4.46 -1.38 -11.95
N ASN B 40 3.10 -3.57 -15.26
CA ASN B 40 2.40 -4.33 -16.31
C ASN B 40 0.89 -4.44 -16.02
N HIS B 41 0.53 -5.31 -15.02
CA HIS B 41 -0.80 -5.64 -14.47
C HIS B 41 -0.69 -6.76 -13.43
N PRO B 46 -8.74 -3.88 -12.88
CA PRO B 46 -9.89 -4.76 -12.62
C PRO B 46 -9.54 -6.07 -11.84
N LEU B 47 -9.99 -7.24 -12.40
CA LEU B 47 -9.79 -8.62 -11.94
C LEU B 47 -8.43 -9.15 -12.41
N LEU B 48 -7.78 -10.03 -11.63
CA LEU B 48 -6.50 -10.59 -12.04
C LEU B 48 -6.67 -11.66 -13.11
N GLU B 49 -5.70 -11.78 -14.02
CA GLU B 49 -5.64 -12.84 -15.01
C GLU B 49 -5.21 -14.12 -14.26
N SER B 50 -5.63 -15.25 -14.78
CA SER B 50 -5.34 -16.56 -14.19
C SER B 50 -4.28 -17.28 -14.96
N VAL B 51 -3.59 -18.18 -14.25
CA VAL B 51 -2.61 -19.09 -14.78
C VAL B 51 -2.87 -20.43 -14.10
N ASP B 52 -2.91 -21.47 -14.94
CA ASP B 52 -3.08 -22.87 -14.56
C ASP B 52 -1.78 -23.23 -13.85
N ILE B 53 -1.87 -23.56 -12.55
CA ILE B 53 -0.74 -23.93 -11.68
C ILE B 53 -0.01 -25.19 -12.20
N ARG B 54 -0.70 -26.05 -12.96
CA ARG B 54 -0.11 -27.27 -13.53
C ARG B 54 1.10 -26.96 -14.44
N GLN B 55 1.02 -25.85 -15.19
CA GLN B 55 2.03 -25.34 -16.11
C GLN B 55 3.34 -24.91 -15.43
N ILE B 56 3.32 -24.66 -14.10
CA ILE B 56 4.52 -24.17 -13.42
C ILE B 56 5.05 -25.13 -12.34
N TYR B 57 4.42 -26.29 -12.15
CA TYR B 57 4.88 -27.25 -11.15
C TYR B 57 6.37 -27.63 -11.30
N ASP B 58 6.83 -27.84 -12.56
CA ASP B 58 8.21 -28.20 -12.95
C ASP B 58 9.27 -27.14 -12.59
N LYS B 59 8.82 -25.89 -12.41
CA LYS B 59 9.63 -24.71 -12.10
C LYS B 59 9.90 -24.52 -10.59
N PHE B 60 9.20 -25.26 -9.71
CA PHE B 60 9.33 -25.11 -8.28
C PHE B 60 9.56 -26.44 -7.55
N PRO B 61 10.09 -26.46 -6.28
CA PRO B 61 10.29 -27.76 -5.59
C PRO B 61 8.97 -28.52 -5.47
N GLU B 62 8.98 -29.85 -5.68
CA GLU B 62 7.73 -30.60 -5.69
C GLU B 62 7.68 -31.80 -4.74
N LYS B 63 8.53 -31.85 -3.75
CA LYS B 63 8.47 -32.93 -2.77
C LYS B 63 7.40 -32.60 -1.69
N LYS B 64 7.57 -33.12 -0.46
CA LYS B 64 6.70 -32.79 0.65
C LYS B 64 7.01 -31.31 0.93
N GLY B 65 5.97 -30.52 1.16
CA GLY B 65 6.13 -29.08 1.40
C GLY B 65 6.31 -28.26 0.14
N GLY B 66 6.15 -28.92 -1.03
CA GLY B 66 6.27 -28.29 -2.35
C GLY B 66 5.04 -27.50 -2.76
N LEU B 67 5.11 -26.82 -3.93
CA LEU B 67 4.02 -26.00 -4.46
C LEU B 67 2.67 -26.74 -4.60
N LYS B 68 2.67 -27.96 -5.23
CA LYS B 68 1.44 -28.74 -5.42
C LYS B 68 0.80 -29.12 -4.07
N GLU B 69 1.64 -29.54 -3.10
CA GLU B 69 1.19 -29.90 -1.77
C GLU B 69 0.59 -28.68 -1.05
N LEU B 70 1.30 -27.53 -1.07
CA LEU B 70 0.88 -26.25 -0.48
C LEU B 70 -0.43 -25.75 -1.07
N PHE B 71 -0.58 -25.81 -2.40
CA PHE B 71 -1.79 -25.36 -3.09
C PHE B 71 -3.00 -26.22 -2.72
N GLY B 72 -2.77 -27.53 -2.61
CA GLY B 72 -3.79 -28.50 -2.22
C GLY B 72 -4.32 -28.20 -0.84
N LYS B 73 -3.41 -27.86 0.09
CA LYS B 73 -3.80 -27.49 1.44
C LYS B 73 -4.61 -26.19 1.42
N GLY B 74 -4.20 -25.23 0.58
CA GLY B 74 -4.86 -23.93 0.46
C GLY B 74 -4.47 -22.92 1.53
N PRO B 75 -5.18 -21.77 1.67
CA PRO B 75 -6.32 -21.30 0.87
C PRO B 75 -5.83 -20.98 -0.54
N GLN B 76 -6.57 -21.44 -1.56
CA GLN B 76 -6.14 -21.28 -2.95
C GLN B 76 -6.23 -19.85 -3.47
N ASN B 77 -6.93 -18.97 -2.74
CA ASN B 77 -7.03 -17.56 -3.09
C ASN B 77 -5.75 -16.79 -2.69
N ALA B 78 -4.80 -17.47 -2.04
CA ALA B 78 -3.56 -16.88 -1.52
C ALA B 78 -2.33 -17.20 -2.39
N PHE B 79 -2.56 -17.84 -3.58
CA PHE B 79 -1.52 -18.29 -4.51
C PHE B 79 -1.43 -17.46 -5.77
N PHE B 80 -0.23 -16.91 -6.03
CA PHE B 80 -0.01 -16.03 -7.17
C PHE B 80 1.24 -16.37 -7.87
N LEU B 81 1.23 -16.10 -9.18
CA LEU B 81 2.41 -16.18 -10.02
C LEU B 81 2.75 -14.72 -10.29
N VAL B 82 4.00 -14.33 -10.03
CA VAL B 82 4.48 -12.98 -10.25
C VAL B 82 5.67 -13.04 -11.20
N LYS B 83 5.57 -12.32 -12.32
CA LYS B 83 6.66 -12.28 -13.30
C LYS B 83 7.42 -10.99 -13.08
N PHE B 84 8.73 -11.08 -12.93
CA PHE B 84 9.53 -9.88 -12.72
C PHE B 84 10.44 -9.67 -13.90
N TRP B 85 10.61 -8.40 -14.31
CA TRP B 85 11.58 -8.01 -15.34
C TRP B 85 12.69 -7.37 -14.55
N ALA B 86 13.89 -7.96 -14.59
CA ALA B 86 15.06 -7.53 -13.82
C ALA B 86 15.89 -6.50 -14.54
N ASP B 87 16.25 -5.41 -13.87
CA ASP B 87 17.12 -4.38 -14.43
C ASP B 87 18.54 -4.69 -13.95
N LEU B 88 19.38 -5.09 -14.90
CA LEU B 88 20.77 -5.46 -14.61
C LEU B 88 21.78 -4.36 -14.95
N ASN B 89 21.30 -3.18 -15.39
CA ASN B 89 22.12 -2.03 -15.75
C ASN B 89 22.62 -1.27 -14.55
N CYS B 90 23.79 -1.62 -14.08
CA CYS B 90 24.45 -0.94 -12.96
C CYS B 90 25.95 -1.22 -12.99
N ASN B 91 26.74 -0.26 -12.55
CA ASN B 91 28.18 -0.41 -12.49
C ASN B 91 28.54 -1.00 -11.12
N ILE B 92 28.95 -2.27 -11.12
CA ILE B 92 29.40 -2.92 -9.90
C ILE B 92 30.90 -2.56 -9.74
N GLN B 93 31.16 -1.44 -9.01
CA GLN B 93 32.52 -0.93 -8.76
C GLN B 93 33.41 -1.97 -8.05
N ASP B 94 33.14 -2.22 -6.76
CA ASP B 94 33.82 -3.22 -5.91
C ASP B 94 32.93 -3.55 -4.71
N ASP B 95 33.16 -4.72 -4.06
CA ASP B 95 32.39 -5.17 -2.90
C ASP B 95 32.52 -4.22 -1.71
N ALA B 96 33.70 -3.55 -1.55
CA ALA B 96 33.96 -2.58 -0.49
C ALA B 96 33.11 -1.33 -0.77
N GLY B 97 32.23 -1.03 0.19
CA GLY B 97 31.29 0.07 0.10
C GLY B 97 29.96 -0.34 -0.53
N ALA B 98 29.80 -1.63 -0.88
CA ALA B 98 28.58 -2.15 -1.50
C ALA B 98 27.78 -3.01 -0.56
N PHE B 99 26.48 -2.79 -0.56
CA PHE B 99 25.50 -3.54 0.20
C PHE B 99 24.42 -4.05 -0.74
N TYR B 100 24.24 -5.37 -0.79
CA TYR B 100 23.20 -6.02 -1.55
C TYR B 100 22.12 -6.36 -0.55
N GLY B 101 20.94 -5.80 -0.75
CA GLY B 101 19.83 -5.99 0.17
C GLY B 101 18.48 -6.21 -0.47
N VAL B 102 17.54 -6.64 0.37
CA VAL B 102 16.16 -6.92 -0.02
C VAL B 102 15.25 -6.25 1.01
N THR B 103 14.25 -5.53 0.55
CA THR B 103 13.30 -4.87 1.44
C THR B 103 11.91 -5.34 1.11
N SER B 104 11.11 -5.61 2.15
CA SER B 104 9.73 -6.01 1.91
C SER B 104 8.80 -5.53 3.01
N GLN B 105 7.55 -5.30 2.64
CA GLN B 105 6.53 -4.94 3.59
C GLN B 105 5.24 -5.68 3.26
N TYR B 106 4.63 -6.27 4.31
CA TYR B 106 3.37 -6.99 4.24
C TYR B 106 2.38 -6.29 5.11
N GLU B 107 1.11 -6.48 4.82
CA GLU B 107 0.04 -5.90 5.63
C GLU B 107 -1.04 -6.95 5.87
N SER B 108 -1.75 -6.83 7.00
CA SER B 108 -2.81 -7.75 7.37
C SER B 108 -3.78 -7.05 8.25
N SER B 109 -5.02 -7.55 8.23
CA SER B 109 -6.14 -7.10 9.07
C SER B 109 -5.96 -7.71 10.47
N GLU B 110 -5.13 -8.76 10.56
CA GLU B 110 -4.88 -9.57 11.75
C GLU B 110 -3.50 -9.42 12.34
N ASN B 111 -3.48 -9.48 13.67
CA ASN B 111 -2.30 -9.39 14.50
C ASN B 111 -1.72 -10.80 14.62
N MET B 112 -0.67 -11.09 13.86
CA MET B 112 -0.07 -12.43 13.86
C MET B 112 1.45 -12.33 14.01
N THR B 113 2.08 -13.50 14.18
CA THR B 113 3.50 -13.72 14.09
C THR B 113 3.58 -14.55 12.77
N VAL B 114 4.37 -14.08 11.82
CA VAL B 114 4.47 -14.73 10.52
C VAL B 114 5.87 -15.26 10.29
N THR B 115 5.95 -16.32 9.50
CA THR B 115 7.21 -16.90 9.06
C THR B 115 7.24 -16.66 7.55
N CYS B 116 8.29 -15.97 7.06
CA CYS B 116 8.50 -15.68 5.66
C CYS B 116 9.64 -16.55 5.15
N SER B 117 9.30 -17.51 4.27
CA SER B 117 10.25 -18.42 3.63
C SER B 117 10.50 -17.97 2.19
N THR B 118 11.78 -17.78 1.84
CA THR B 118 12.26 -17.43 0.50
C THR B 118 13.10 -18.63 0.03
N LYS B 119 12.60 -19.39 -0.94
CA LYS B 119 13.33 -20.52 -1.51
C LYS B 119 13.85 -20.13 -2.89
N VAL B 120 15.17 -20.04 -3.03
CA VAL B 120 15.81 -19.75 -4.31
C VAL B 120 15.96 -21.10 -5.05
N CYS B 121 15.48 -21.18 -6.29
CA CYS B 121 15.48 -22.41 -7.06
C CYS B 121 16.18 -22.30 -8.41
N SER B 122 16.86 -23.39 -8.79
CA SER B 122 17.52 -23.56 -10.08
C SER B 122 16.99 -24.84 -10.72
N PHE B 123 16.36 -24.72 -11.92
CA PHE B 123 15.76 -25.86 -12.62
C PHE B 123 14.74 -26.60 -11.72
N GLY B 124 13.97 -25.80 -10.95
CA GLY B 124 12.95 -26.24 -10.02
C GLY B 124 13.45 -26.91 -8.74
N LYS B 125 14.74 -26.82 -8.47
CA LYS B 125 15.34 -27.47 -7.31
C LYS B 125 15.86 -26.41 -6.38
N GLN B 126 15.54 -26.55 -5.08
CA GLN B 126 15.94 -25.58 -4.08
C GLN B 126 17.45 -25.54 -3.94
N VAL B 127 18.03 -24.32 -3.98
CA VAL B 127 19.48 -24.11 -3.84
C VAL B 127 19.81 -23.34 -2.57
N VAL B 128 18.87 -22.55 -2.06
CA VAL B 128 19.03 -21.82 -0.80
C VAL B 128 17.66 -21.45 -0.25
N GLU B 129 17.50 -21.59 1.06
CA GLU B 129 16.27 -21.20 1.76
C GLU B 129 16.58 -20.23 2.87
N LYS B 130 15.90 -19.09 2.84
CA LYS B 130 16.03 -18.04 3.83
C LYS B 130 14.68 -17.95 4.57
N VAL B 131 14.68 -18.13 5.91
CA VAL B 131 13.49 -18.10 6.78
C VAL B 131 13.59 -16.93 7.77
N GLU B 132 12.56 -16.07 7.82
CA GLU B 132 12.53 -14.90 8.72
C GLU B 132 11.21 -14.87 9.45
N THR B 133 11.23 -14.56 10.76
CA THR B 133 10.06 -14.42 11.63
C THR B 133 9.81 -12.94 11.80
N GLU B 134 8.58 -12.51 11.53
CA GLU B 134 8.16 -11.12 11.68
C GLU B 134 6.95 -10.96 12.61
N TYR B 135 6.92 -9.85 13.34
CA TYR B 135 5.91 -9.48 14.31
C TYR B 135 5.19 -8.24 13.85
N ALA B 136 3.88 -8.22 14.05
CA ALA B 136 3.02 -7.13 13.64
C ALA B 136 3.29 -5.86 14.39
N ARG B 137 3.27 -4.75 13.67
CA ARG B 137 3.36 -3.42 14.22
C ARG B 137 2.06 -2.76 13.75
N PHE B 138 1.23 -2.29 14.70
CA PHE B 138 -0.04 -1.65 14.33
C PHE B 138 0.25 -0.26 13.85
N GLU B 139 -0.23 0.07 12.65
CA GLU B 139 -0.05 1.41 12.12
C GLU B 139 -1.09 1.79 11.11
N ASN B 140 -1.84 2.86 11.39
CA ASN B 140 -2.84 3.41 10.48
C ASN B 140 -3.99 2.42 10.17
N GLY B 141 -4.45 1.70 11.19
CA GLY B 141 -5.59 0.79 11.09
C GLY B 141 -5.32 -0.57 10.51
N ARG B 142 -4.04 -0.91 10.38
CA ARG B 142 -3.66 -2.24 9.87
C ARG B 142 -2.35 -2.69 10.50
N PHE B 143 -2.08 -3.98 10.44
CA PHE B 143 -0.88 -4.61 10.97
C PHE B 143 0.13 -4.74 9.87
N VAL B 144 1.32 -4.23 10.15
CA VAL B 144 2.44 -4.12 9.21
C VAL B 144 3.63 -4.99 9.65
N TYR B 145 4.20 -5.73 8.68
CA TYR B 145 5.33 -6.65 8.80
C TYR B 145 6.40 -6.13 7.84
N ARG B 146 7.46 -5.53 8.39
CA ARG B 146 8.54 -4.92 7.62
CA ARG B 146 8.53 -4.95 7.58
C ARG B 146 9.87 -5.64 7.80
N ILE B 147 10.51 -6.01 6.68
CA ILE B 147 11.82 -6.62 6.66
C ILE B 147 12.58 -5.56 5.88
N ASN B 148 13.15 -4.61 6.60
CA ASN B 148 13.90 -3.51 6.00
C ASN B 148 15.38 -3.90 5.85
N ARG B 149 15.93 -3.69 4.63
CA ARG B 149 17.35 -3.89 4.29
C ARG B 149 17.94 -5.24 4.74
N SER B 150 17.27 -6.34 4.42
CA SER B 150 17.77 -7.68 4.75
C SER B 150 19.00 -8.01 3.83
N PRO B 151 20.19 -8.41 4.34
CA PRO B 151 21.31 -8.71 3.43
C PRO B 151 20.98 -9.86 2.46
N MET B 152 21.40 -9.73 1.20
CA MET B 152 21.18 -10.79 0.21
C MET B 152 22.07 -11.94 0.57
N CYS B 153 21.60 -13.19 0.37
CA CYS B 153 22.44 -14.37 0.61
C CYS B 153 23.60 -14.37 -0.40
N GLU B 154 24.71 -15.01 -0.04
CA GLU B 154 25.88 -15.07 -0.92
C GLU B 154 25.55 -15.68 -2.29
N TYR B 155 24.63 -16.69 -2.35
CA TYR B 155 24.25 -17.33 -3.63
C TYR B 155 23.78 -16.27 -4.65
N MET B 156 22.88 -15.38 -4.20
CA MET B 156 22.28 -14.33 -5.01
C MET B 156 23.25 -13.26 -5.47
N ILE B 157 24.19 -12.86 -4.60
CA ILE B 157 25.19 -11.85 -4.93
C ILE B 157 26.06 -12.40 -6.02
N ASN B 158 26.49 -13.65 -5.87
CA ASN B 158 27.31 -14.37 -6.82
C ASN B 158 26.54 -14.61 -8.14
N PHE B 159 25.23 -14.93 -8.05
CA PHE B 159 24.37 -15.14 -9.20
C PHE B 159 24.33 -13.92 -10.08
N ILE B 160 24.02 -12.74 -9.47
CA ILE B 160 23.96 -11.41 -10.10
C ILE B 160 25.29 -11.06 -10.81
N HIS B 161 26.43 -11.40 -10.18
CA HIS B 161 27.75 -11.14 -10.78
C HIS B 161 27.94 -11.95 -12.05
N LYS B 162 27.61 -13.27 -11.97
CA LYS B 162 27.72 -14.26 -13.04
C LYS B 162 26.82 -13.88 -14.20
N LEU B 163 25.62 -13.42 -13.87
CA LEU B 163 24.59 -12.96 -14.81
C LEU B 163 25.05 -11.70 -15.57
N LYS B 164 25.66 -10.74 -14.87
CA LYS B 164 26.18 -9.51 -15.47
C LYS B 164 27.45 -9.75 -16.31
N HIS B 165 28.17 -10.86 -16.06
CA HIS B 165 29.36 -11.20 -16.82
C HIS B 165 29.08 -12.03 -18.09
N LEU B 166 27.81 -12.32 -18.40
CA LEU B 166 27.43 -13.06 -19.61
C LEU B 166 27.67 -12.17 -20.86
N PRO B 167 28.20 -12.73 -21.97
CA PRO B 167 28.49 -11.87 -23.13
C PRO B 167 27.29 -11.27 -23.87
N GLU B 168 26.06 -11.85 -23.72
CA GLU B 168 24.89 -11.43 -24.47
C GLU B 168 23.66 -11.36 -23.62
N LYS B 169 22.76 -10.42 -23.95
CA LYS B 169 21.50 -10.24 -23.23
C LYS B 169 20.61 -11.48 -23.31
N TYR B 170 20.65 -12.21 -24.45
CA TYR B 170 19.82 -13.40 -24.63
C TYR B 170 20.19 -14.51 -23.64
N MET B 171 21.50 -14.58 -23.33
CA MET B 171 22.07 -15.56 -22.41
C MET B 171 21.61 -15.30 -21.01
N MET B 172 21.44 -14.01 -20.66
CA MET B 172 20.92 -13.53 -19.37
C MET B 172 19.48 -13.98 -19.23
N ASN B 173 18.69 -13.80 -20.30
CA ASN B 173 17.31 -14.27 -20.40
C ASN B 173 17.17 -15.77 -20.24
N SER B 174 18.04 -16.53 -20.93
CA SER B 174 18.12 -17.98 -20.86
C SER B 174 18.37 -18.44 -19.41
N VAL B 175 19.38 -17.85 -18.75
CA VAL B 175 19.75 -18.19 -17.38
C VAL B 175 18.59 -17.91 -16.42
N LEU B 176 17.97 -16.71 -16.55
CA LEU B 176 16.86 -16.28 -15.70
C LEU B 176 15.60 -17.12 -15.88
N GLU B 177 15.41 -17.74 -17.06
CA GLU B 177 14.24 -18.59 -17.35
C GLU B 177 14.19 -19.85 -16.44
N ASN B 178 15.34 -20.30 -15.95
CA ASN B 178 15.38 -21.47 -15.11
C ASN B 178 15.61 -21.10 -13.66
N PHE B 179 15.63 -19.78 -13.38
CA PHE B 179 15.80 -19.21 -12.06
C PHE B 179 14.42 -18.78 -11.52
N THR B 180 14.01 -19.33 -10.37
CA THR B 180 12.73 -19.00 -9.73
C THR B 180 12.90 -18.83 -8.22
N ILE B 181 11.98 -18.09 -7.61
CA ILE B 181 11.93 -17.86 -6.17
C ILE B 181 10.55 -18.23 -5.69
N LEU B 182 10.48 -19.07 -4.65
CA LEU B 182 9.21 -19.41 -4.05
C LEU B 182 9.15 -18.70 -2.69
N LEU B 183 8.22 -17.76 -2.60
CA LEU B 183 7.97 -16.93 -1.46
C LEU B 183 6.68 -17.38 -0.73
N VAL B 184 6.84 -17.93 0.49
CA VAL B 184 5.71 -18.41 1.29
C VAL B 184 5.72 -17.75 2.68
N VAL B 185 4.58 -17.13 3.06
CA VAL B 185 4.35 -16.49 4.36
C VAL B 185 3.27 -17.32 5.06
N THR B 186 3.62 -17.90 6.22
CA THR B 186 2.82 -18.80 7.05
C THR B 186 2.53 -18.14 8.39
N ASN B 187 1.34 -18.38 8.96
CA ASN B 187 0.97 -17.90 10.29
C ASN B 187 1.74 -18.87 11.23
N ARG B 188 2.77 -18.37 11.92
CA ARG B 188 3.68 -19.18 12.74
C ARG B 188 2.97 -20.04 13.80
N ASP B 189 1.89 -19.52 14.41
CA ASP B 189 1.17 -20.21 15.47
C ASP B 189 0.21 -21.32 14.97
N THR B 190 -0.62 -21.03 13.94
CA THR B 190 -1.59 -21.97 13.35
C THR B 190 -1.05 -22.83 12.18
N GLN B 191 0.08 -22.43 11.59
CA GLN B 191 0.75 -23.08 10.44
C GLN B 191 -0.03 -22.94 9.12
N GLU B 192 -1.06 -22.08 9.08
CA GLU B 192 -1.83 -21.79 7.86
C GLU B 192 -0.97 -20.94 6.90
N THR B 193 -1.01 -21.26 5.60
CA THR B 193 -0.36 -20.48 4.55
C THR B 193 -1.18 -19.21 4.40
N LEU B 194 -0.53 -18.04 4.43
CA LEU B 194 -1.19 -16.73 4.31
C LEU B 194 -1.05 -16.18 2.90
N LEU B 195 0.12 -16.44 2.30
CA LEU B 195 0.44 -15.95 0.98
C LEU B 195 1.55 -16.80 0.37
N CYS B 196 1.37 -17.14 -0.91
CA CYS B 196 2.36 -17.88 -1.67
C CYS B 196 2.53 -17.20 -3.03
N MET B 197 3.76 -16.70 -3.29
CA MET B 197 4.13 -16.11 -4.55
C MET B 197 5.22 -16.91 -5.26
N ALA B 198 4.86 -17.48 -6.41
CA ALA B 198 5.73 -18.22 -7.33
C ALA B 198 6.31 -17.13 -8.25
N CYS B 199 7.61 -16.84 -8.10
CA CYS B 199 8.30 -15.78 -8.83
C CYS B 199 9.13 -16.31 -9.98
N VAL B 200 8.90 -15.76 -11.18
CA VAL B 200 9.58 -16.06 -12.44
C VAL B 200 10.23 -14.76 -12.94
N PHE B 201 11.32 -14.89 -13.70
CA PHE B 201 12.14 -13.74 -14.08
C PHE B 201 12.51 -13.71 -15.52
N GLU B 202 12.73 -12.47 -16.02
CA GLU B 202 13.12 -12.11 -17.38
C GLU B 202 13.90 -10.80 -17.25
N VAL B 203 14.80 -10.50 -18.20
CA VAL B 203 15.56 -9.25 -18.20
C VAL B 203 14.70 -8.11 -18.70
N SER B 204 14.79 -6.92 -18.06
CA SER B 204 14.03 -5.74 -18.49
C SER B 204 14.38 -5.37 -19.96
N ASN B 205 13.34 -5.06 -20.75
CA ASN B 205 13.48 -4.74 -22.16
C ASN B 205 13.72 -3.26 -22.37
N SER B 206 14.92 -2.92 -22.89
CA SER B 206 15.44 -1.57 -23.16
C SER B 206 15.52 -0.67 -21.90
N GLU B 207 14.89 0.54 -21.96
CA GLU B 207 14.84 1.57 -20.92
C GLU B 207 13.48 1.61 -20.19
N HIS B 208 12.76 0.47 -20.21
CA HIS B 208 11.47 0.34 -19.53
C HIS B 208 11.64 0.11 -18.01
N GLY B 209 12.82 -0.41 -17.64
CA GLY B 209 13.16 -0.69 -16.25
C GLY B 209 12.47 -1.92 -15.70
N ALA B 210 12.67 -2.16 -14.40
CA ALA B 210 12.08 -3.27 -13.68
C ALA B 210 10.56 -3.11 -13.59
N GLN B 211 9.86 -4.22 -13.84
CA GLN B 211 8.42 -4.33 -13.82
C GLN B 211 8.00 -5.68 -13.28
N HIS B 212 6.71 -5.84 -12.97
CA HIS B 212 6.14 -7.09 -12.52
C HIS B 212 4.74 -7.29 -13.11
N HIS B 213 4.29 -8.53 -13.15
CA HIS B 213 2.95 -8.86 -13.62
C HIS B 213 2.42 -9.92 -12.69
N ILE B 214 1.24 -9.67 -12.12
CA ILE B 214 0.57 -10.59 -11.18
C ILE B 214 -0.48 -11.43 -11.90
N TYR B 215 -0.54 -12.70 -11.54
CA TYR B 215 -1.51 -13.67 -12.00
C TYR B 215 -1.98 -14.47 -10.79
N ARG B 216 -3.23 -14.93 -10.82
CA ARG B 216 -3.75 -15.80 -9.78
C ARG B 216 -3.43 -17.20 -10.24
N LEU B 217 -2.97 -18.05 -9.31
CA LEU B 217 -2.73 -19.45 -9.65
C LEU B 217 -4.00 -20.20 -9.38
N VAL B 218 -4.47 -20.92 -10.41
CA VAL B 218 -5.70 -21.72 -10.39
C VAL B 218 -5.43 -23.14 -10.80
N LYS B 219 -6.28 -24.06 -10.33
CA LYS B 219 -6.20 -25.50 -10.60
C LYS B 219 -6.54 -25.79 -12.04
N ASP B 220 -7.37 -24.92 -12.68
CA ASP B 220 -7.79 -25.10 -14.06
C ASP B 220 -7.19 -24.10 -15.06
C1 JJU C . -7.96 17.00 9.69
C2 JJU C . -8.61 16.77 10.91
C3 JJU C . -9.48 15.70 11.07
C7 JJU C . -6.98 18.11 9.57
C11 JJU C . -9.57 14.07 7.85
C12 JJU C . -10.54 13.32 8.58
C15 JJU C . -9.62 13.54 6.59
C16 JJU C . -10.85 11.62 5.55
C19 JJU C . -13.81 12.87 11.54
C20 JJU C . -13.44 12.74 12.87
C21 JJU C . -12.10 12.89 13.21
C22 JJU C . -11.15 13.19 12.24
C4 JJU C . -9.76 14.89 9.97
C5 JJU C . -9.13 15.11 8.73
C6 JJU C . -8.25 16.18 8.60
O8 JJU C . -6.18 18.01 8.55
O9 JJU C . -6.96 19.05 10.36
N10 JJU C . -10.57 13.72 9.92
N13 JJU C . -11.06 12.35 7.85
N14 JJU C . -10.50 12.53 6.62
C17 JJU C . -11.53 13.35 10.91
C18 JJU C . -12.87 13.20 10.56
C23 JJU C . -14.46 12.41 13.91
F24 JJU C . -15.59 11.86 13.43
F25 JJU C . -13.98 11.57 14.81
F26 JJU C . -14.91 13.51 14.58
S SO4 D . -31.19 13.70 17.51
O1 SO4 D . -30.02 14.27 18.17
O2 SO4 D . -32.18 13.38 18.52
O3 SO4 D . -31.73 14.68 16.56
O4 SO4 D . -30.85 12.46 16.84
S SO4 E . -19.99 -5.01 -0.02
O1 SO4 E . -18.98 -5.65 0.82
O2 SO4 E . -20.50 -3.81 0.66
O3 SO4 E . -19.42 -4.64 -1.32
O4 SO4 E . -21.10 -5.94 -0.21
C1 JJU F . 17.11 -12.55 -1.88
C2 JJU F . 18.02 -12.08 -2.83
C3 JJU F . 17.57 -11.65 -4.07
C7 JJU F . 17.61 -12.98 -0.54
C11 JJU F . 13.98 -11.97 -3.99
C12 JJU F . 14.21 -11.52 -5.32
C15 JJU F . 12.63 -12.20 -3.95
C16 JJU F . 10.74 -11.84 -5.56
C19 JJU F . 16.33 -11.64 -9.17
C20 JJU F . 17.46 -10.82 -9.31
C21 JJU F . 17.98 -10.21 -8.17
C22 JJU F . 17.36 -10.36 -6.94
C4 JJU F . 16.22 -11.71 -4.36
C5 JJU F . 15.28 -12.12 -3.40
C6 JJU F . 15.74 -12.52 -2.15
O8 JJU F . 18.81 -13.18 -0.33
O9 JJU F . 16.69 -13.09 0.36
N10 JJU F . 15.57 -11.30 -5.56
N13 JJU F . 13.09 -11.42 -6.00
N14 JJU F . 12.13 -11.82 -5.13
C17 JJU F . 16.21 -11.14 -6.82
C18 JJU F . 15.70 -11.78 -7.95
C23 JJU F . 18.16 -10.71 -10.62
F24 JJU F . 17.38 -11.03 -11.64
F25 JJU F . 18.63 -9.51 -10.85
F26 JJU F . 19.21 -11.52 -10.69
S SO4 G . -9.34 -10.95 -8.56
O1 SO4 G . -10.71 -10.65 -8.92
O2 SO4 G . -9.34 -11.23 -7.12
O3 SO4 G . -8.51 -9.76 -8.83
O4 SO4 G . -8.88 -12.10 -9.34
#